data_8E5Z
#
_entry.id   8E5Z
#
_cell.length_a   54.687
_cell.length_b   98.352
_cell.length_c   58.334
_cell.angle_alpha   90.00
_cell.angle_beta   107.22
_cell.angle_gamma   90.00
#
_symmetry.space_group_name_H-M   'P 1 21 1'
#
loop_
_entity.id
_entity.type
_entity.pdbx_description
1 polymer '3C-like proteinase'
2 non-polymer '(1R,2S)-2-[(N-{[2-(benzenesulfonyl)-2-methylpropoxy]carbonyl}-L-leucyl)amino]-1-hydroxy-3-[(3S)-2-oxopyrrolidin-3-yl]propane-1-sulfonic acid'
3 non-polymer '(1S,2S)-2-[(N-{[2-(benzenesulfonyl)-2-methylpropoxy]carbonyl}-L-leucyl)amino]-1-hydroxy-3-[(3S)-2-oxopyrrolidin-3-yl]propane-1-sulfonic acid'
4 water water
#
_entity_poly.entity_id   1
_entity_poly.type   'polypeptide(L)'
_entity_poly.pdbx_seq_one_letter_code
;SNIGSGFRKMAFPSGKVEGCMVQVTCGTTTLNGLWLDDVVYCPRHVICTSEDMLNPNYEDLLIRKSNHNFLVQAGNVQLR
VIGHSMQNCVLKLKVDTANPKTPKYKFVRIQPGQTFSVLACYNGSPSGVYQCAMRPNFTIKGSFLNGSCGSVGFNIDYDC
VSFCYMHHMELPTGVHAGTDLEGNFYGPFVDRQTAQAAGTDTTITVNVLAWLYAAVINGDRWFLNRFTTTLNDFNLVAMK
YNYEPLTQDHVDILGPLSAQTGIAVLDMCASLKELLQNGMNGRTILGSALLEDEFTPFDVVRQCSGVTF
;
_entity_poly.pdbx_strand_id   A,B
#
# COMPACT_ATOMS: atom_id res chain seq x y z
N SER A 5 16.98 -2.96 6.49
CA SER A 5 16.30 -3.62 5.35
C SER A 5 15.12 -2.80 4.80
N GLY A 6 14.90 -1.62 5.37
CA GLY A 6 13.83 -0.72 4.93
C GLY A 6 12.53 -0.96 5.70
N PHE A 7 11.78 0.13 5.93
CA PHE A 7 10.51 0.03 6.65
C PHE A 7 9.41 0.72 5.86
N ARG A 8 8.33 -0.01 5.63
CA ARG A 8 7.31 0.47 4.71
C ARG A 8 5.95 0.08 5.25
N LYS A 9 4.99 0.98 5.04
CA LYS A 9 3.61 0.70 5.40
C LYS A 9 3.03 -0.30 4.41
N MET A 10 2.71 -1.48 4.90
CA MET A 10 2.51 -2.66 4.07
C MET A 10 1.16 -3.25 4.40
N ALA A 11 0.39 -3.57 3.36
CA ALA A 11 -0.90 -4.20 3.50
C ALA A 11 -0.74 -5.70 3.27
N PHE A 12 -1.67 -6.48 3.84
CA PHE A 12 -1.69 -7.91 3.54
C PHE A 12 -1.98 -8.14 2.06
N PRO A 13 -1.44 -9.23 1.48
CA PRO A 13 -1.83 -9.58 0.11
C PRO A 13 -3.34 -9.80 0.06
N SER A 14 -3.99 -9.20 -0.92
CA SER A 14 -5.45 -9.08 -0.89
C SER A 14 -6.19 -10.17 -1.67
N GLY A 15 -5.46 -11.12 -2.27
CA GLY A 15 -6.09 -12.11 -3.13
C GLY A 15 -7.25 -12.89 -2.50
N LYS A 16 -7.10 -13.36 -1.27
CA LYS A 16 -8.19 -14.12 -0.67
C LYS A 16 -9.45 -13.29 -0.58
N VAL A 17 -9.32 -11.97 -0.48
CA VAL A 17 -10.50 -11.12 -0.35
C VAL A 17 -11.05 -10.73 -1.72
N GLU A 18 -10.17 -10.49 -2.70
CA GLU A 18 -10.62 -10.22 -4.07
C GLU A 18 -11.59 -11.27 -4.56
N GLY A 19 -11.37 -12.51 -4.20
CA GLY A 19 -12.21 -13.58 -4.69
C GLY A 19 -13.58 -13.62 -4.09
N CYS A 20 -13.85 -12.73 -3.13
CA CYS A 20 -15.15 -12.64 -2.49
C CYS A 20 -15.95 -11.40 -2.87
N MET A 21 -15.39 -10.49 -3.65
CA MET A 21 -16.06 -9.21 -3.88
C MET A 21 -17.03 -9.36 -5.03
N VAL A 22 -18.25 -8.85 -4.83
CA VAL A 22 -19.29 -8.84 -5.85
C VAL A 22 -19.97 -7.48 -5.88
N GLN A 23 -20.74 -7.24 -6.94
CA GLN A 23 -21.56 -6.06 -7.11
C GLN A 23 -22.99 -6.36 -6.66
N VAL A 24 -23.57 -5.39 -5.93
CA VAL A 24 -24.93 -5.46 -5.39
C VAL A 24 -25.67 -4.20 -5.80
N THR A 25 -26.81 -4.38 -6.48
CA THR A 25 -27.62 -3.25 -6.92
C THR A 25 -29.01 -3.42 -6.36
N CYS A 26 -29.53 -2.33 -5.82
CA CYS A 26 -30.95 -2.19 -5.47
C CYS A 26 -31.41 -0.81 -5.94
N GLY A 27 -32.36 -0.79 -6.86
CA GLY A 27 -32.86 0.46 -7.38
C GLY A 27 -31.79 1.15 -8.19
N THR A 28 -31.53 2.41 -7.86
CA THR A 28 -30.50 3.22 -8.49
C THR A 28 -29.23 3.27 -7.67
N THR A 29 -28.99 2.28 -6.80
CA THR A 29 -27.81 2.26 -5.96
C THR A 29 -27.03 0.98 -6.23
N THR A 30 -25.74 1.12 -6.57
CA THR A 30 -24.82 0.01 -6.75
C THR A 30 -23.69 0.19 -5.75
N LEU A 31 -23.35 -0.88 -5.03
CA LEU A 31 -22.17 -0.85 -4.18
C LEU A 31 -21.62 -2.27 -4.12
N ASN A 32 -20.67 -2.48 -3.22
CA ASN A 32 -19.96 -3.75 -3.16
C ASN A 32 -20.53 -4.66 -2.09
N GLY A 33 -20.44 -5.96 -2.36
CA GLY A 33 -20.76 -6.95 -1.36
C GLY A 33 -19.62 -7.95 -1.21
N LEU A 34 -19.64 -8.61 -0.05
CA LEU A 34 -18.70 -9.64 0.33
C LEU A 34 -19.44 -10.97 0.34
N TRP A 35 -19.03 -11.88 -0.54
CA TRP A 35 -19.69 -13.18 -0.78
C TRP A 35 -18.87 -14.29 -0.11
N LEU A 36 -19.37 -14.79 1.02
CA LEU A 36 -18.74 -15.87 1.77
C LEU A 36 -19.71 -17.05 1.85
N ASP A 37 -19.30 -18.22 1.37
CA ASP A 37 -20.17 -19.41 1.32
C ASP A 37 -21.36 -19.02 0.45
N ASP A 38 -22.61 -19.12 0.94
CA ASP A 38 -23.79 -18.78 0.15
C ASP A 38 -24.49 -17.54 0.70
N VAL A 39 -23.72 -16.57 1.20
CA VAL A 39 -24.25 -15.33 1.77
C VAL A 39 -23.42 -14.16 1.24
N VAL A 40 -24.09 -13.10 0.81
CA VAL A 40 -23.43 -11.86 0.41
C VAL A 40 -23.75 -10.80 1.45
N TYR A 41 -22.70 -10.16 2.00
CA TYR A 41 -22.88 -9.13 3.01
C TYR A 41 -22.65 -7.77 2.36
N CYS A 42 -23.44 -6.78 2.71
CA CYS A 42 -23.22 -5.45 2.14
C CYS A 42 -23.88 -4.44 3.05
N PRO A 43 -23.59 -3.17 2.84
CA PRO A 43 -24.27 -2.14 3.65
C PRO A 43 -25.74 -2.07 3.32
N ARG A 44 -26.54 -1.96 4.37
CA ARG A 44 -28.00 -1.94 4.17
C ARG A 44 -28.49 -0.67 3.51
N HIS A 45 -27.72 0.43 3.55
CA HIS A 45 -28.22 1.63 2.91
C HIS A 45 -28.30 1.49 1.39
N VAL A 46 -27.95 0.34 0.81
CA VAL A 46 -28.19 0.15 -0.61
C VAL A 46 -29.69 0.16 -0.91
N ILE A 47 -30.53 -0.14 0.08
CA ILE A 47 -31.97 -0.21 -0.19
C ILE A 47 -32.63 1.15 -0.18
N CYS A 48 -31.91 2.21 0.19
CA CYS A 48 -32.52 3.52 0.33
C CYS A 48 -32.57 4.26 -1.01
N THR A 49 -33.60 5.09 -1.15
CA THR A 49 -33.64 6.10 -2.20
C THR A 49 -33.08 7.41 -1.66
N SER A 50 -33.05 8.42 -2.54
CA SER A 50 -32.70 9.77 -2.11
C SER A 50 -33.49 10.16 -0.87
N GLU A 51 -34.82 10.10 -0.95
CA GLU A 51 -35.64 10.60 0.14
C GLU A 51 -35.46 9.77 1.40
N ASP A 52 -35.31 8.46 1.24
CA ASP A 52 -35.16 7.59 2.40
C ASP A 52 -33.98 8.01 3.26
N MET A 53 -32.90 8.46 2.64
CA MET A 53 -31.61 8.50 3.33
C MET A 53 -31.59 9.45 4.52
N LEU A 54 -32.47 10.45 4.56
CA LEU A 54 -32.33 11.44 5.63
C LEU A 54 -32.80 10.90 6.98
N ASN A 55 -33.75 9.97 6.99
CA ASN A 55 -34.20 9.34 8.22
C ASN A 55 -34.81 7.99 7.88
N PRO A 56 -33.99 7.02 7.49
CA PRO A 56 -34.48 5.77 6.90
C PRO A 56 -34.96 4.80 7.98
N ASN A 57 -36.21 4.35 7.86
CA ASN A 57 -36.73 3.34 8.76
C ASN A 57 -36.40 2.01 8.09
N TYR A 58 -35.26 1.44 8.45
CA TYR A 58 -34.69 0.34 7.68
C TYR A 58 -35.50 -0.94 7.81
N GLU A 59 -35.99 -1.25 9.02
CA GLU A 59 -36.87 -2.42 9.15
C GLU A 59 -38.10 -2.24 8.26
N ASP A 60 -38.65 -1.03 8.23
CA ASP A 60 -39.79 -0.73 7.38
C ASP A 60 -39.43 -0.88 5.90
N LEU A 61 -38.32 -0.27 5.47
CA LEU A 61 -37.95 -0.31 4.06
C LEU A 61 -37.57 -1.71 3.63
N LEU A 62 -36.98 -2.50 4.53
CA LEU A 62 -36.52 -3.84 4.18
C LEU A 62 -37.68 -4.79 3.95
N ILE A 63 -38.74 -4.66 4.74
CA ILE A 63 -39.85 -5.62 4.63
C ILE A 63 -40.63 -5.43 3.33
N ARG A 64 -40.59 -4.22 2.77
CA ARG A 64 -41.20 -3.92 1.49
C ARG A 64 -40.36 -4.40 0.30
N LYS A 65 -39.21 -5.03 0.52
CA LYS A 65 -38.33 -5.45 -0.57
C LYS A 65 -38.50 -6.94 -0.84
N SER A 66 -38.38 -7.29 -2.11
CA SER A 66 -38.34 -8.69 -2.54
C SER A 66 -36.92 -9.15 -2.79
N ASN A 67 -36.71 -10.46 -2.68
CA ASN A 67 -35.43 -11.04 -3.08
C ASN A 67 -35.09 -10.67 -4.52
N HIS A 68 -36.08 -10.56 -5.40
CA HIS A 68 -35.83 -10.22 -6.80
C HIS A 68 -35.56 -8.73 -7.00
N ASN A 69 -35.59 -7.92 -5.94
CA ASN A 69 -35.21 -6.52 -6.04
C ASN A 69 -33.71 -6.31 -5.89
N PHE A 70 -32.96 -7.37 -5.60
CA PHE A 70 -31.51 -7.30 -5.39
C PHE A 70 -30.83 -7.97 -6.58
N LEU A 71 -30.04 -7.19 -7.31
CA LEU A 71 -29.22 -7.70 -8.41
C LEU A 71 -27.80 -7.84 -7.88
N VAL A 72 -27.34 -9.08 -7.76
CA VAL A 72 -25.98 -9.42 -7.36
C VAL A 72 -25.25 -9.97 -8.58
N GLN A 73 -24.08 -9.41 -8.88
CA GLN A 73 -23.26 -9.90 -9.97
C GLN A 73 -21.85 -10.21 -9.48
N ALA A 74 -21.35 -11.36 -9.89
CA ALA A 74 -19.95 -11.74 -9.70
C ALA A 74 -19.35 -11.79 -11.11
N GLY A 75 -18.81 -10.67 -11.55
CA GLY A 75 -18.26 -10.59 -12.88
C GLY A 75 -19.33 -10.61 -13.94
N ASN A 76 -19.29 -11.64 -14.80
CA ASN A 76 -20.23 -11.79 -15.89
C ASN A 76 -21.51 -12.50 -15.47
N VAL A 77 -21.63 -12.91 -14.21
CA VAL A 77 -22.69 -13.80 -13.76
C VAL A 77 -23.56 -13.10 -12.73
N GLN A 78 -24.88 -13.24 -12.87
CA GLN A 78 -25.81 -12.81 -11.85
C GLN A 78 -26.03 -13.98 -10.90
N LEU A 79 -26.07 -13.71 -9.61
CA LEU A 79 -26.39 -14.73 -8.62
C LEU A 79 -27.83 -14.53 -8.16
N ARG A 80 -28.54 -15.62 -7.96
CA ARG A 80 -29.95 -15.58 -7.59
C ARG A 80 -30.06 -15.44 -6.08
N VAL A 81 -30.69 -14.36 -5.64
CA VAL A 81 -30.98 -14.12 -4.23
C VAL A 81 -32.19 -14.95 -3.82
N ILE A 82 -32.01 -15.83 -2.84
CA ILE A 82 -33.06 -16.71 -2.35
C ILE A 82 -33.47 -16.35 -0.92
N GLY A 83 -33.10 -15.17 -0.45
CA GLY A 83 -33.45 -14.79 0.89
C GLY A 83 -32.65 -13.58 1.30
N HIS A 84 -33.23 -12.74 2.15
CA HIS A 84 -32.55 -11.54 2.62
C HIS A 84 -32.90 -11.32 4.08
N SER A 85 -31.92 -10.86 4.85
CA SER A 85 -32.18 -10.40 6.20
C SER A 85 -31.11 -9.36 6.55
N MET A 86 -31.27 -8.77 7.71
CA MET A 86 -30.50 -7.62 8.14
C MET A 86 -29.91 -7.91 9.52
N GLN A 87 -28.62 -7.62 9.71
CA GLN A 87 -28.02 -7.67 11.04
C GLN A 87 -27.40 -6.32 11.31
N ASN A 88 -28.03 -5.55 12.18
CA ASN A 88 -27.62 -4.18 12.47
C ASN A 88 -27.53 -3.43 11.14
N CYS A 89 -26.41 -2.82 10.79
CA CYS A 89 -26.35 -2.06 9.56
C CYS A 89 -25.89 -2.87 8.35
N VAL A 90 -25.81 -4.20 8.44
CA VAL A 90 -25.42 -4.98 7.26
C VAL A 90 -26.59 -5.82 6.80
N LEU A 91 -26.79 -5.79 5.49
CA LEU A 91 -27.76 -6.60 4.80
C LEU A 91 -27.09 -7.93 4.44
N LYS A 92 -27.78 -9.04 4.69
CA LYS A 92 -27.35 -10.37 4.32
C LYS A 92 -28.25 -10.90 3.21
N LEU A 93 -27.64 -11.29 2.10
CA LEU A 93 -28.35 -11.77 0.92
C LEU A 93 -27.99 -13.24 0.69
N LYS A 94 -28.92 -14.14 1.00
CA LYS A 94 -28.74 -15.55 0.69
C LYS A 94 -28.81 -15.75 -0.82
N VAL A 95 -27.84 -16.45 -1.37
CA VAL A 95 -27.84 -16.76 -2.79
C VAL A 95 -27.83 -18.28 -2.99
N ASP A 96 -28.29 -18.70 -4.17
CA ASP A 96 -28.41 -20.13 -4.46
C ASP A 96 -27.06 -20.81 -4.61
N THR A 97 -25.97 -20.05 -4.74
CA THR A 97 -24.66 -20.62 -4.96
C THR A 97 -23.73 -20.36 -3.78
N ALA A 98 -22.77 -21.25 -3.62
CA ALA A 98 -21.68 -21.06 -2.68
C ALA A 98 -20.47 -20.53 -3.44
N ASN A 99 -19.81 -19.52 -2.87
CA ASN A 99 -18.59 -19.01 -3.46
C ASN A 99 -17.49 -20.05 -3.36
N PRO A 100 -16.97 -20.59 -4.46
CA PRO A 100 -15.89 -21.58 -4.33
C PRO A 100 -14.64 -21.01 -3.71
N LYS A 101 -14.35 -19.74 -3.99
CA LYS A 101 -13.12 -19.09 -3.56
C LYS A 101 -13.16 -18.59 -2.12
N THR A 102 -14.17 -18.97 -1.35
CA THR A 102 -14.29 -18.58 0.05
C THR A 102 -13.07 -19.02 0.84
N PRO A 103 -12.31 -18.11 1.43
CA PRO A 103 -11.19 -18.55 2.28
C PRO A 103 -11.71 -18.98 3.63
N LYS A 104 -10.82 -19.61 4.41
CA LYS A 104 -11.09 -19.76 5.83
C LYS A 104 -11.18 -18.37 6.44
N TYR A 105 -12.22 -18.11 7.22
CA TYR A 105 -12.43 -16.74 7.65
C TYR A 105 -13.05 -16.71 9.04
N LYS A 106 -12.98 -15.54 9.66
CA LYS A 106 -13.72 -15.23 10.88
C LYS A 106 -14.07 -13.75 10.86
N PHE A 107 -15.09 -13.39 11.64
CA PHE A 107 -15.50 -12.01 11.83
C PHE A 107 -14.99 -11.54 13.19
N VAL A 108 -14.24 -10.43 13.19
CA VAL A 108 -13.72 -9.87 14.43
C VAL A 108 -14.05 -8.39 14.53
N ARG A 109 -14.13 -7.90 15.76
CA ARG A 109 -14.21 -6.49 16.05
C ARG A 109 -12.85 -6.02 16.55
N ILE A 110 -12.25 -5.05 15.87
CA ILE A 110 -10.92 -4.61 16.27
C ILE A 110 -11.03 -3.53 17.35
N GLN A 111 -9.95 -3.38 18.10
CA GLN A 111 -9.79 -2.33 19.09
C GLN A 111 -9.14 -1.10 18.46
N PRO A 112 -9.45 0.08 18.94
CA PRO A 112 -8.74 1.27 18.46
C PRO A 112 -7.24 1.11 18.68
N GLY A 113 -6.48 1.68 17.75
CA GLY A 113 -5.04 1.49 17.72
C GLY A 113 -4.58 0.23 17.01
N GLN A 114 -5.47 -0.69 16.68
CA GLN A 114 -5.12 -1.85 15.87
C GLN A 114 -5.21 -1.49 14.39
N THR A 115 -4.44 -2.21 13.58
CA THR A 115 -4.35 -1.92 12.15
C THR A 115 -5.01 -3.01 11.33
N PHE A 116 -5.37 -2.66 10.09
CA PHE A 116 -5.94 -3.63 9.19
C PHE A 116 -5.76 -3.14 7.76
N SER A 117 -5.77 -4.08 6.83
CA SER A 117 -5.75 -3.76 5.41
C SER A 117 -7.16 -3.51 4.88
N VAL A 118 -7.24 -2.55 3.97
CA VAL A 118 -8.49 -2.19 3.31
C VAL A 118 -8.34 -2.51 1.84
N LEU A 119 -9.33 -3.20 1.29
CA LEU A 119 -9.42 -3.48 -0.13
C LEU A 119 -10.54 -2.60 -0.67
N ALA A 120 -10.15 -1.50 -1.27
CA ALA A 120 -11.09 -0.54 -1.84
C ALA A 120 -11.59 -1.08 -3.16
N CYS A 121 -12.90 -1.18 -3.29
CA CYS A 121 -13.60 -1.73 -4.45
C CYS A 121 -14.64 -0.74 -4.96
N TYR A 122 -14.91 -0.80 -6.27
CA TYR A 122 -15.91 0.02 -6.94
C TYR A 122 -16.63 -0.89 -7.92
N ASN A 123 -17.97 -0.91 -7.87
CA ASN A 123 -18.78 -1.80 -8.70
C ASN A 123 -18.41 -3.27 -8.53
N GLY A 124 -18.01 -3.65 -7.32
CA GLY A 124 -17.61 -5.02 -7.07
C GLY A 124 -16.21 -5.39 -7.52
N SER A 125 -15.45 -4.45 -8.11
CA SER A 125 -14.13 -4.72 -8.66
C SER A 125 -13.05 -4.13 -7.76
N PRO A 126 -12.12 -4.95 -7.28
CA PRO A 126 -11.01 -4.42 -6.49
C PRO A 126 -10.24 -3.35 -7.24
N SER A 127 -9.94 -2.25 -6.55
CA SER A 127 -9.20 -1.15 -7.14
C SER A 127 -7.91 -0.80 -6.42
N GLY A 128 -7.84 -0.92 -5.09
CA GLY A 128 -6.58 -0.69 -4.41
C GLY A 128 -6.55 -1.32 -3.02
N VAL A 129 -5.36 -1.40 -2.45
CA VAL A 129 -5.25 -1.95 -1.10
C VAL A 129 -4.30 -1.07 -0.29
N TYR A 130 -4.63 -0.86 0.97
CA TYR A 130 -3.78 -0.06 1.82
C TYR A 130 -4.08 -0.37 3.27
N GLN A 131 -3.19 0.13 4.13
CA GLN A 131 -3.23 -0.12 5.56
C GLN A 131 -3.84 1.06 6.31
N CYS A 132 -4.66 0.74 7.32
CA CYS A 132 -5.40 1.70 8.13
C CYS A 132 -5.27 1.28 9.57
N ALA A 133 -5.45 2.23 10.48
CA ALA A 133 -5.64 1.89 11.87
C ALA A 133 -7.02 2.38 12.29
N MET A 134 -7.59 1.66 13.24
CA MET A 134 -8.80 2.14 13.89
C MET A 134 -8.39 3.27 14.84
N ARG A 135 -8.78 4.50 14.51
CA ARG A 135 -8.42 5.63 15.35
C ARG A 135 -9.08 5.55 16.71
N PRO A 136 -8.50 6.21 17.71
CA PRO A 136 -9.15 6.25 19.02
C PRO A 136 -10.56 6.78 19.00
N ASN A 137 -10.91 7.73 18.10
CA ASN A 137 -12.28 8.21 17.97
C ASN A 137 -13.10 7.39 16.97
N PHE A 138 -12.60 6.22 16.57
CA PHE A 138 -13.35 5.22 15.79
C PHE A 138 -13.66 5.67 14.37
N THR A 139 -12.92 6.64 13.84
CA THR A 139 -12.83 6.85 12.40
C THR A 139 -11.62 6.10 11.84
N ILE A 140 -11.50 6.10 10.52
CA ILE A 140 -10.30 5.61 9.86
C ILE A 140 -9.95 6.60 8.77
N LYS A 141 -8.67 6.80 8.56
CA LYS A 141 -8.21 7.72 7.54
C LYS A 141 -7.95 6.87 6.30
N GLY A 142 -8.98 6.78 5.46
CA GLY A 142 -8.92 6.01 4.25
C GLY A 142 -8.96 6.86 2.99
N SER A 143 -9.03 6.16 1.87
CA SER A 143 -9.23 6.74 0.55
C SER A 143 -10.40 5.95 -0.02
N PHE A 144 -11.54 6.61 -0.04
CA PHE A 144 -12.80 5.98 -0.41
C PHE A 144 -13.57 7.05 -1.16
N LEU A 145 -14.03 6.73 -2.35
CA LEU A 145 -14.84 7.64 -3.14
C LEU A 145 -16.29 7.14 -3.19
N ASN A 146 -17.12 7.85 -3.96
CA ASN A 146 -18.43 7.34 -4.26
C ASN A 146 -18.33 5.92 -4.80
N GLY A 147 -19.22 5.08 -4.31
CA GLY A 147 -19.30 3.72 -4.77
C GLY A 147 -18.40 2.75 -4.04
N SER A 148 -17.72 3.20 -3.00
CA SER A 148 -16.77 2.36 -2.26
C SER A 148 -17.46 1.55 -1.17
N CYS A 149 -18.70 1.89 -0.83
CA CYS A 149 -19.34 1.23 0.29
C CYS A 149 -19.38 -0.28 0.06
N GLY A 150 -19.17 -1.03 1.13
CA GLY A 150 -19.08 -2.47 1.05
C GLY A 150 -17.66 -2.97 0.90
N SER A 151 -16.74 -2.07 0.58
CA SER A 151 -15.32 -2.38 0.71
C SER A 151 -15.05 -2.86 2.13
N VAL A 152 -14.12 -3.80 2.28
CA VAL A 152 -13.92 -4.42 3.59
C VAL A 152 -12.46 -4.24 4.03
N GLY A 153 -12.28 -4.33 5.34
CA GLY A 153 -10.96 -4.31 5.95
C GLY A 153 -10.73 -5.62 6.68
N PHE A 154 -9.47 -6.06 6.70
CA PHE A 154 -9.18 -7.43 7.13
C PHE A 154 -7.74 -7.56 7.59
N ASN A 155 -7.51 -8.61 8.36
CA ASN A 155 -6.18 -9.09 8.69
C ASN A 155 -6.07 -10.55 8.29
N ILE A 156 -4.84 -11.04 8.10
CA ILE A 156 -4.60 -12.43 7.77
C ILE A 156 -3.58 -13.00 8.76
N ASP A 157 -3.98 -14.03 9.50
CA ASP A 157 -3.08 -14.83 10.33
C ASP A 157 -3.05 -16.23 9.75
N TYR A 158 -1.88 -16.66 9.29
CA TYR A 158 -1.73 -17.96 8.64
C TYR A 158 -2.49 -17.94 7.31
N ASP A 159 -3.55 -18.73 7.21
CA ASP A 159 -4.41 -18.70 6.03
C ASP A 159 -5.84 -18.31 6.39
N CYS A 160 -6.05 -17.74 7.58
CA CYS A 160 -7.37 -17.30 8.04
C CYS A 160 -7.50 -15.79 7.86
N VAL A 161 -8.52 -15.38 7.13
CA VAL A 161 -8.85 -13.97 6.94
C VAL A 161 -9.80 -13.56 8.07
N SER A 162 -9.39 -12.60 8.88
CA SER A 162 -10.25 -12.03 9.90
C SER A 162 -10.82 -10.71 9.37
N PHE A 163 -12.12 -10.72 9.06
CA PHE A 163 -12.79 -9.51 8.60
C PHE A 163 -13.19 -8.65 9.78
N CYS A 164 -12.84 -7.37 9.73
CA CYS A 164 -13.11 -6.45 10.83
C CYS A 164 -13.78 -5.15 10.42
N TYR A 165 -13.92 -4.88 9.13
CA TYR A 165 -14.46 -3.58 8.75
C TYR A 165 -15.20 -3.68 7.43
N MET A 166 -16.31 -2.98 7.35
CA MET A 166 -17.04 -2.75 6.12
C MET A 166 -17.37 -1.27 6.04
N HIS A 167 -17.19 -0.71 4.86
CA HIS A 167 -17.19 0.72 4.68
C HIS A 167 -18.58 1.26 4.40
N HIS A 168 -18.93 2.35 5.10
CA HIS A 168 -20.28 2.93 4.97
C HIS A 168 -20.31 4.43 4.65
N MET A 169 -19.33 5.22 5.10
CA MET A 169 -19.49 6.66 4.96
C MET A 169 -18.22 7.45 5.15
N GLU A 170 -18.30 8.71 4.70
CA GLU A 170 -17.27 9.73 4.89
C GLU A 170 -17.80 10.84 5.78
N LEU A 171 -16.96 11.33 6.68
CA LEU A 171 -17.34 12.47 7.51
C LEU A 171 -16.88 13.75 6.82
N PRO A 172 -17.35 14.91 7.25
CA PRO A 172 -17.00 16.15 6.55
C PRO A 172 -15.52 16.51 6.65
N THR A 173 -14.82 16.05 7.69
CA THR A 173 -13.40 16.26 7.81
C THR A 173 -12.61 15.42 6.83
N GLY A 174 -13.26 14.52 6.10
CA GLY A 174 -12.60 13.66 5.15
C GLY A 174 -12.16 12.31 5.68
N VAL A 175 -12.41 12.01 6.96
CA VAL A 175 -12.16 10.66 7.50
C VAL A 175 -13.35 9.75 7.22
N HIS A 176 -13.27 8.49 7.65
CA HIS A 176 -14.23 7.48 7.24
C HIS A 176 -14.77 6.70 8.43
N ALA A 177 -15.98 6.15 8.23
CA ALA A 177 -16.65 5.40 9.28
C ALA A 177 -17.37 4.19 8.68
N GLY A 178 -17.52 3.18 9.51
CA GLY A 178 -18.12 1.95 9.07
C GLY A 178 -18.30 1.00 10.23
N THR A 179 -18.59 -0.25 9.88
CA THR A 179 -19.05 -1.23 10.83
C THR A 179 -18.13 -2.44 10.81
N ASP A 180 -18.28 -3.29 11.83
CA ASP A 180 -17.76 -4.64 11.77
C ASP A 180 -18.72 -5.48 10.92
N LEU A 181 -18.43 -6.76 10.79
CA LEU A 181 -19.19 -7.58 9.87
C LEU A 181 -20.46 -8.11 10.53
N GLU A 182 -20.66 -7.75 11.80
CA GLU A 182 -21.97 -7.85 12.44
C GLU A 182 -22.84 -6.62 12.23
N GLY A 183 -22.35 -5.60 11.52
CA GLY A 183 -23.15 -4.44 11.21
C GLY A 183 -23.16 -3.36 12.28
N ASN A 184 -22.36 -3.51 13.33
CA ASN A 184 -22.25 -2.51 14.38
C ASN A 184 -21.22 -1.45 14.02
N PHE A 185 -21.62 -0.20 14.03
CA PHE A 185 -20.62 0.84 13.78
C PHE A 185 -19.51 0.82 14.81
N TYR A 186 -18.34 1.18 14.34
CA TYR A 186 -17.30 1.75 15.18
C TYR A 186 -17.60 3.23 15.42
N GLY A 187 -17.73 3.60 16.68
CA GLY A 187 -18.03 4.96 17.01
C GLY A 187 -19.50 5.33 16.94
N PRO A 188 -19.74 6.63 17.12
CA PRO A 188 -21.09 7.12 17.36
C PRO A 188 -21.81 7.49 16.07
N PHE A 189 -21.49 6.84 14.98
CA PHE A 189 -22.03 7.22 13.69
C PHE A 189 -23.24 6.35 13.35
N VAL A 190 -23.97 6.82 12.35
CA VAL A 190 -25.26 6.29 11.96
C VAL A 190 -25.34 6.32 10.44
N ASP A 191 -25.97 5.30 9.85
CA ASP A 191 -26.06 5.22 8.40
C ASP A 191 -27.32 5.92 7.92
N ARG A 192 -27.30 7.22 8.19
CA ARG A 192 -28.27 8.20 7.72
C ARG A 192 -27.49 9.32 7.04
N GLN A 193 -28.09 9.90 6.01
CA GLN A 193 -27.40 10.89 5.19
C GLN A 193 -27.40 12.21 5.97
N THR A 194 -26.49 12.29 6.96
CA THR A 194 -26.23 13.53 7.69
C THR A 194 -24.74 13.78 7.77
N ALA A 195 -24.38 15.07 7.86
CA ALA A 195 -23.02 15.43 8.21
C ALA A 195 -22.83 15.10 9.69
N GLN A 196 -21.91 14.21 9.95
CA GLN A 196 -21.60 13.82 11.31
C GLN A 196 -20.15 14.16 11.64
N ALA A 197 -19.93 14.46 12.89
CA ALA A 197 -18.62 14.83 13.38
C ALA A 197 -18.19 13.78 14.38
N ALA A 198 -16.88 13.56 14.45
CA ALA A 198 -16.34 12.59 15.38
C ALA A 198 -15.93 13.27 16.67
N GLY A 199 -15.71 12.46 17.70
CA GLY A 199 -15.14 12.99 18.91
C GLY A 199 -13.73 13.45 18.60
N THR A 200 -13.06 14.03 19.60
CA THR A 200 -11.71 14.53 19.39
C THR A 200 -10.76 13.36 19.17
N ASP A 201 -10.00 13.41 18.08
CA ASP A 201 -9.06 12.34 17.82
C ASP A 201 -7.87 12.51 18.75
N THR A 202 -7.19 11.41 18.98
CA THR A 202 -5.98 11.40 19.78
C THR A 202 -4.97 10.53 19.04
N THR A 203 -3.71 10.66 19.42
CA THR A 203 -2.64 9.95 18.74
C THR A 203 -2.35 8.63 19.45
N ILE A 204 -2.03 7.60 18.66
CA ILE A 204 -1.83 6.23 19.20
C ILE A 204 -0.38 6.13 19.64
N THR A 205 -0.17 6.40 20.93
CA THR A 205 1.18 6.56 21.47
C THR A 205 2.02 5.31 21.30
N VAL A 206 1.48 4.16 21.72
CA VAL A 206 2.29 2.94 21.61
C VAL A 206 2.73 2.73 20.16
N ASN A 207 1.94 3.21 19.20
CA ASN A 207 2.30 3.05 17.79
C ASN A 207 3.40 4.03 17.37
N VAL A 208 3.33 5.28 17.84
CA VAL A 208 4.42 6.21 17.59
C VAL A 208 5.72 5.65 18.17
N LEU A 209 5.66 5.03 19.34
CA LEU A 209 6.86 4.47 19.93
C LEU A 209 7.39 3.32 19.09
N ALA A 210 6.50 2.43 18.63
CA ALA A 210 6.93 1.36 17.73
C ALA A 210 7.63 1.95 16.51
N TRP A 211 7.03 2.97 15.91
CA TRP A 211 7.63 3.60 14.75
C TRP A 211 9.00 4.18 15.05
N LEU A 212 9.15 4.90 16.18
CA LEU A 212 10.47 5.43 16.52
C LEU A 212 11.51 4.32 16.58
N TYR A 213 11.20 3.21 17.26
CA TYR A 213 12.10 2.06 17.29
C TYR A 213 12.42 1.57 15.87
N ALA A 214 11.42 1.53 15.00
CA ALA A 214 11.68 1.20 13.61
C ALA A 214 12.66 2.19 12.99
N ALA A 215 12.57 3.44 13.38
CA ALA A 215 13.44 4.45 12.78
C ALA A 215 14.88 4.24 13.22
N VAL A 216 15.06 3.74 14.45
CA VAL A 216 16.38 3.34 14.94
C VAL A 216 16.87 2.12 14.20
N ILE A 217 16.12 1.02 14.29
CA ILE A 217 16.44 -0.23 13.60
C ILE A 217 16.93 0.01 12.18
N ASN A 218 16.43 1.06 11.52
CA ASN A 218 16.83 1.39 10.15
C ASN A 218 17.89 2.49 10.13
N GLY A 219 18.63 2.66 11.21
CA GLY A 219 19.78 3.54 11.21
C GLY A 219 19.47 5.02 11.33
N ASP A 220 18.40 5.38 12.03
CA ASP A 220 18.06 6.77 12.26
C ASP A 220 17.88 6.96 13.75
N ARG A 221 18.64 7.91 14.34
CA ARG A 221 18.51 8.07 15.79
C ARG A 221 18.74 9.50 16.28
N TRP A 222 18.57 10.50 15.42
CA TRP A 222 18.81 11.87 15.84
C TRP A 222 17.92 12.30 17.01
N PHE A 223 16.68 11.80 17.05
CA PHE A 223 15.70 12.21 18.07
C PHE A 223 16.01 11.61 19.44
N LEU A 224 16.82 10.56 19.51
CA LEU A 224 17.19 9.96 20.79
C LEU A 224 17.85 11.00 21.74
N ASN A 225 17.94 10.60 23.01
CA ASN A 225 18.50 11.44 24.05
C ASN A 225 18.87 10.54 25.22
N ARG A 226 19.66 11.09 26.15
CA ARG A 226 20.14 10.35 27.30
C ARG A 226 19.20 10.50 28.49
N PHE A 227 18.12 11.25 28.33
CA PHE A 227 17.14 11.42 29.39
C PHE A 227 16.27 10.17 29.51
N THR A 228 15.59 10.09 30.65
CA THR A 228 14.59 9.07 30.90
C THR A 228 13.39 9.73 31.58
N THR A 229 12.37 8.93 31.83
CA THR A 229 11.10 9.43 32.33
C THR A 229 10.39 8.27 32.98
N THR A 230 9.66 8.56 34.05
CA THR A 230 8.74 7.58 34.60
C THR A 230 7.57 7.42 33.64
N LEU A 231 6.84 6.33 33.84
CA LEU A 231 5.69 6.08 32.97
C LEU A 231 4.61 7.12 33.22
N ASN A 232 4.40 7.47 34.48
CA ASN A 232 3.32 8.39 34.75
C ASN A 232 3.65 9.80 34.28
N ASP A 233 4.89 10.25 34.47
CA ASP A 233 5.29 11.57 33.98
C ASP A 233 5.29 11.65 32.46
N PHE A 234 5.68 10.56 31.77
CA PHE A 234 5.47 10.54 30.34
C PHE A 234 3.99 10.65 30.00
N ASN A 235 3.15 9.88 30.69
CA ASN A 235 1.73 9.89 30.38
C ASN A 235 1.12 11.26 30.64
N LEU A 236 1.62 11.98 31.64
CA LEU A 236 1.09 13.32 31.89
C LEU A 236 1.35 14.22 30.68
N VAL A 237 2.56 14.16 30.13
CA VAL A 237 2.90 15.02 29.00
C VAL A 237 2.17 14.55 27.76
N ALA A 238 2.09 13.23 27.57
CA ALA A 238 1.36 12.69 26.43
C ALA A 238 -0.06 13.22 26.40
N MET A 239 -0.75 13.09 27.52
CA MET A 239 -2.14 13.48 27.54
C MET A 239 -2.32 14.96 27.24
N LYS A 240 -1.38 15.76 27.71
CA LYS A 240 -1.42 17.19 27.42
C LYS A 240 -1.44 17.45 25.92
N TYR A 241 -0.71 16.66 25.14
CA TYR A 241 -0.61 16.87 23.70
C TYR A 241 -1.60 16.02 22.93
N ASN A 242 -2.62 15.51 23.63
CA ASN A 242 -3.65 14.66 23.04
C ASN A 242 -3.06 13.41 22.43
N TYR A 243 -2.14 12.79 23.14
CA TYR A 243 -1.64 11.45 22.88
C TYR A 243 -2.26 10.48 23.88
N GLU A 244 -2.56 9.25 23.44
CA GLU A 244 -3.13 8.26 24.35
C GLU A 244 -2.13 7.93 25.46
N PRO A 245 -2.59 7.63 26.66
CA PRO A 245 -1.66 7.15 27.68
C PRO A 245 -1.14 5.78 27.31
N LEU A 246 0.03 5.48 27.82
CA LEU A 246 0.68 4.19 27.60
C LEU A 246 0.43 3.31 28.82
N THR A 247 -0.11 2.13 28.57
CA THR A 247 -0.38 1.14 29.61
C THR A 247 0.85 0.24 29.81
N GLN A 248 0.89 -0.46 30.96
CA GLN A 248 2.02 -1.37 31.16
C GLN A 248 1.97 -2.50 30.15
N ASP A 249 0.79 -2.81 29.63
CA ASP A 249 0.69 -3.79 28.55
C ASP A 249 1.32 -3.27 27.27
N HIS A 250 1.08 -1.99 26.93
CA HIS A 250 1.80 -1.39 25.81
C HIS A 250 3.31 -1.46 26.03
N VAL A 251 3.76 -1.15 27.24
CA VAL A 251 5.19 -1.28 27.56
C VAL A 251 5.67 -2.69 27.23
N ASP A 252 4.94 -3.68 27.72
CA ASP A 252 5.32 -5.06 27.48
C ASP A 252 5.40 -5.36 25.99
N ILE A 253 4.34 -4.98 25.27
CA ILE A 253 4.26 -5.25 23.84
C ILE A 253 5.43 -4.66 23.10
N LEU A 254 6.09 -3.66 23.67
CA LEU A 254 7.22 -3.03 23.03
C LEU A 254 8.54 -3.69 23.38
N GLY A 255 8.53 -4.69 24.26
CA GLY A 255 9.74 -5.37 24.68
C GLY A 255 10.65 -5.73 23.51
N PRO A 256 10.16 -6.59 22.63
CA PRO A 256 10.99 -7.07 21.51
C PRO A 256 11.74 -5.97 20.79
N LEU A 257 11.08 -4.83 20.57
CA LEU A 257 11.79 -3.70 19.99
C LEU A 257 12.80 -3.12 20.97
N SER A 258 12.41 -3.03 22.24
CA SER A 258 13.35 -2.61 23.28
C SER A 258 14.56 -3.52 23.26
N ALA A 259 14.33 -4.81 23.49
CA ALA A 259 15.42 -5.79 23.44
C ALA A 259 16.22 -5.64 22.15
N GLN A 260 15.55 -5.69 21.01
CA GLN A 260 16.23 -5.70 19.72
C GLN A 260 17.20 -4.54 19.58
N THR A 261 16.84 -3.37 20.10
CA THR A 261 17.68 -2.20 19.98
C THR A 261 18.41 -1.83 21.26
N GLY A 262 18.14 -2.51 22.37
CA GLY A 262 18.72 -2.10 23.64
C GLY A 262 18.43 -0.67 24.03
N ILE A 263 17.23 -0.20 23.75
CA ILE A 263 16.76 1.10 24.18
C ILE A 263 15.53 0.87 25.04
N ALA A 264 15.62 1.26 26.31
CA ALA A 264 14.53 0.99 27.22
C ALA A 264 13.29 1.74 26.77
N VAL A 265 12.15 1.12 26.96
CA VAL A 265 10.90 1.70 26.50
C VAL A 265 10.78 3.11 27.05
N LEU A 266 11.04 3.25 28.35
CA LEU A 266 10.94 4.55 29.00
C LEU A 266 11.98 5.53 28.51
N ASP A 267 13.10 5.04 27.96
CA ASP A 267 14.02 5.92 27.25
C ASP A 267 13.45 6.40 25.94
N MET A 268 12.83 5.51 25.16
CA MET A 268 12.15 5.98 23.96
C MET A 268 11.01 6.93 24.30
N CYS A 269 10.37 6.74 25.46
CA CYS A 269 9.34 7.68 25.91
C CYS A 269 9.90 9.06 26.17
N ALA A 270 11.10 9.14 26.76
CA ALA A 270 11.76 10.43 26.97
C ALA A 270 12.13 11.08 25.65
N SER A 271 12.51 10.27 24.66
CA SER A 271 12.73 10.82 23.32
C SER A 271 11.44 11.42 22.77
N LEU A 272 10.35 10.64 22.78
CA LEU A 272 9.08 11.16 22.29
C LEU A 272 8.66 12.41 23.06
N LYS A 273 8.78 12.40 24.38
CA LYS A 273 8.43 13.58 25.16
C LYS A 273 9.18 14.81 24.66
N GLU A 274 10.47 14.66 24.32
CA GLU A 274 11.26 15.78 23.81
C GLU A 274 10.72 16.27 22.47
N LEU A 275 10.42 15.34 21.55
CA LEU A 275 9.83 15.71 20.27
C LEU A 275 8.50 16.44 20.43
N LEU A 276 7.62 15.97 21.33
CA LEU A 276 6.36 16.65 21.54
C LEU A 276 6.57 18.10 21.96
N GLN A 277 7.46 18.31 22.92
CA GLN A 277 7.64 19.66 23.45
C GLN A 277 8.44 20.54 22.49
N ASN A 278 9.41 19.96 21.76
CA ASN A 278 10.35 20.71 20.94
C ASN A 278 9.99 20.74 19.45
N GLY A 279 9.11 19.86 19.00
CA GLY A 279 8.88 19.71 17.58
C GLY A 279 10.05 19.01 16.92
N MET A 280 9.96 18.89 15.61
CA MET A 280 11.03 18.28 14.83
C MET A 280 11.98 19.32 14.24
N ASN A 281 11.74 20.61 14.50
CA ASN A 281 12.60 21.71 14.06
C ASN A 281 13.24 21.42 12.71
N GLY A 282 12.43 21.07 11.71
CA GLY A 282 12.92 20.86 10.37
C GLY A 282 13.18 19.41 10.03
N ARG A 283 13.73 18.68 10.99
CA ARG A 283 14.17 17.31 10.75
C ARG A 283 12.99 16.42 10.37
N THR A 284 13.31 15.23 9.88
CA THR A 284 12.32 14.22 9.54
C THR A 284 12.73 12.88 10.13
N ILE A 285 11.74 11.98 10.29
CA ILE A 285 11.98 10.60 10.70
C ILE A 285 11.38 9.68 9.65
N LEU A 286 12.14 8.67 9.24
CA LEU A 286 11.76 7.76 8.17
C LEU A 286 11.03 8.49 7.04
N GLY A 287 11.46 9.73 6.73
CA GLY A 287 10.89 10.51 5.66
C GLY A 287 9.86 11.54 6.12
N SER A 288 9.26 11.35 7.28
CA SER A 288 8.07 12.10 7.65
C SER A 288 8.39 13.35 8.47
N ALA A 289 7.69 14.43 8.17
CA ALA A 289 7.69 15.60 9.03
C ALA A 289 6.82 15.45 10.27
N LEU A 290 6.05 14.38 10.38
CA LEU A 290 5.12 14.19 11.48
C LEU A 290 5.39 12.85 12.15
N LEU A 291 4.89 12.69 13.37
CA LEU A 291 5.04 11.43 14.08
C LEU A 291 3.90 10.48 13.67
N GLU A 292 4.27 9.37 13.05
CA GLU A 292 3.31 8.42 12.51
C GLU A 292 2.82 7.45 13.58
N ASP A 293 1.47 7.24 13.64
CA ASP A 293 0.89 6.39 14.68
C ASP A 293 0.04 5.25 14.13
N GLU A 294 0.23 4.85 12.87
CA GLU A 294 -0.55 3.75 12.32
C GLU A 294 0.30 2.51 12.02
N PHE A 295 1.40 2.34 12.75
CA PHE A 295 2.16 1.08 12.82
C PHE A 295 2.10 0.54 14.23
N THR A 296 1.62 -0.68 14.38
CA THR A 296 1.62 -1.30 15.69
C THR A 296 2.98 -1.93 15.99
N PRO A 297 3.24 -2.28 17.25
CA PRO A 297 4.47 -3.03 17.54
C PRO A 297 4.61 -4.30 16.72
N PHE A 298 3.51 -5.03 16.52
CA PHE A 298 3.56 -6.24 15.69
C PHE A 298 3.93 -5.92 14.25
N ASP A 299 3.27 -4.93 13.66
CA ASP A 299 3.61 -4.52 12.30
C ASP A 299 5.09 -4.21 12.17
N VAL A 300 5.65 -3.45 13.13
CA VAL A 300 7.09 -3.14 13.08
C VAL A 300 7.92 -4.40 13.15
N VAL A 301 7.64 -5.26 14.15
CA VAL A 301 8.42 -6.47 14.35
C VAL A 301 8.37 -7.36 13.12
N ARG A 302 7.15 -7.73 12.70
CA ARG A 302 6.99 -8.65 11.59
C ARG A 302 7.88 -8.23 10.43
N GLN A 303 8.01 -6.91 10.24
CA GLN A 303 8.76 -6.34 9.14
C GLN A 303 10.21 -6.06 9.52
N CYS A 304 10.69 -6.62 10.62
CA CYS A 304 12.09 -6.48 11.00
C CYS A 304 12.59 -7.79 11.62
N PHE B 7 -4.62 11.90 1.32
CA PHE B 7 -4.04 10.99 0.35
C PHE B 7 -3.37 9.80 1.02
N ARG B 8 -3.24 8.71 0.29
CA ARG B 8 -2.67 7.47 0.81
C ARG B 8 -1.75 6.83 -0.22
N LYS B 9 -0.65 6.26 0.22
CA LYS B 9 0.06 5.31 -0.65
C LYS B 9 -0.83 4.07 -0.79
N MET B 10 -1.38 3.87 -1.98
CA MET B 10 -2.30 2.77 -2.28
C MET B 10 -1.67 1.79 -3.29
N ALA B 11 -1.66 0.51 -2.95
CA ALA B 11 -1.16 -0.52 -3.87
C ALA B 11 -2.30 -1.06 -4.73
N PHE B 12 -1.93 -1.69 -5.83
CA PHE B 12 -2.94 -2.45 -6.58
C PHE B 12 -3.30 -3.73 -5.85
N PRO B 13 -4.52 -4.25 -6.03
CA PRO B 13 -4.83 -5.53 -5.40
C PRO B 13 -3.87 -6.57 -5.95
N SER B 14 -3.39 -7.43 -5.07
CA SER B 14 -2.22 -8.24 -5.39
C SER B 14 -2.57 -9.66 -5.82
N GLY B 15 -3.86 -9.99 -5.90
CA GLY B 15 -4.27 -11.38 -6.11
C GLY B 15 -3.85 -11.97 -7.44
N LYS B 16 -3.90 -11.16 -8.52
CA LYS B 16 -3.47 -11.65 -9.83
C LYS B 16 -1.99 -11.98 -9.85
N VAL B 17 -1.20 -11.30 -9.01
CA VAL B 17 0.21 -11.62 -8.92
C VAL B 17 0.48 -12.72 -7.90
N GLU B 18 -0.29 -12.77 -6.82
CA GLU B 18 -0.12 -13.88 -5.89
C GLU B 18 -0.25 -15.19 -6.62
N GLY B 19 -1.09 -15.24 -7.64
CA GLY B 19 -1.40 -16.48 -8.34
C GLY B 19 -0.30 -16.93 -9.28
N CYS B 20 0.76 -16.12 -9.38
CA CYS B 20 1.90 -16.37 -10.25
C CYS B 20 3.19 -16.60 -9.46
N MET B 21 3.15 -16.52 -8.15
CA MET B 21 4.37 -16.60 -7.35
C MET B 21 4.72 -18.04 -7.07
N VAL B 22 5.97 -18.39 -7.31
CA VAL B 22 6.51 -19.69 -6.93
C VAL B 22 7.89 -19.50 -6.31
N GLN B 23 8.48 -20.62 -5.87
CA GLN B 23 9.80 -20.62 -5.32
C GLN B 23 10.70 -21.48 -6.19
N VAL B 24 11.95 -21.05 -6.31
CA VAL B 24 12.98 -21.67 -7.13
C VAL B 24 14.16 -21.94 -6.24
N THR B 25 14.64 -23.17 -6.24
CA THR B 25 15.75 -23.53 -5.36
C THR B 25 16.83 -24.24 -6.16
N CYS B 26 18.04 -23.80 -5.87
CA CYS B 26 19.26 -24.49 -6.27
C CYS B 26 20.03 -24.79 -5.00
N GLY B 27 20.33 -26.11 -4.80
CA GLY B 27 21.00 -26.53 -3.58
C GLY B 27 20.23 -26.12 -2.35
N THR B 28 20.77 -25.17 -1.60
CA THR B 28 20.02 -24.56 -0.50
C THR B 28 19.55 -23.13 -0.80
N THR B 29 19.92 -22.57 -1.95
CA THR B 29 19.58 -21.21 -2.31
C THR B 29 18.14 -21.16 -2.82
N THR B 30 17.27 -20.45 -2.11
CA THR B 30 15.84 -20.43 -2.45
C THR B 30 15.40 -18.98 -2.59
N LEU B 31 14.89 -18.64 -3.77
CA LEU B 31 14.25 -17.34 -3.92
C LEU B 31 12.93 -17.52 -4.64
N ASN B 32 12.31 -16.42 -5.00
CA ASN B 32 11.01 -16.42 -5.63
C ASN B 32 11.15 -16.33 -7.14
N GLY B 33 10.15 -16.86 -7.83
CA GLY B 33 10.04 -16.73 -9.26
C GLY B 33 8.63 -16.40 -9.67
N LEU B 34 8.46 -16.06 -10.93
CA LEU B 34 7.20 -15.59 -11.48
C LEU B 34 6.77 -16.57 -12.55
N TRP B 35 5.59 -17.19 -12.36
CA TRP B 35 5.10 -18.33 -13.16
C TRP B 35 4.00 -17.81 -14.05
N LEU B 36 4.30 -17.65 -15.33
CA LEU B 36 3.37 -17.12 -16.31
C LEU B 36 3.36 -18.08 -17.48
N ASP B 37 2.18 -18.58 -17.83
CA ASP B 37 2.06 -19.60 -18.86
C ASP B 37 2.97 -20.75 -18.43
N ASP B 38 3.83 -21.27 -19.30
CA ASP B 38 4.74 -22.36 -18.95
C ASP B 38 6.20 -21.91 -18.82
N VAL B 39 6.41 -20.72 -18.25
CA VAL B 39 7.75 -20.22 -17.95
C VAL B 39 7.77 -19.65 -16.54
N VAL B 40 8.83 -19.95 -15.81
CA VAL B 40 9.15 -19.33 -14.53
C VAL B 40 10.34 -18.41 -14.72
N TYR B 41 10.18 -17.15 -14.26
CA TYR B 41 11.19 -16.12 -14.33
C TYR B 41 11.76 -15.88 -12.93
N CYS B 42 13.08 -15.87 -12.79
CA CYS B 42 13.66 -15.59 -11.48
C CYS B 42 15.06 -15.00 -11.65
N PRO B 43 15.61 -14.40 -10.59
CA PRO B 43 16.97 -13.87 -10.67
C PRO B 43 17.98 -14.96 -10.92
N ARG B 44 18.88 -14.70 -11.86
CA ARG B 44 19.86 -15.73 -12.18
C ARG B 44 20.75 -16.07 -11.00
N HIS B 45 20.87 -15.20 -9.99
CA HIS B 45 21.82 -15.58 -8.94
C HIS B 45 21.29 -16.70 -8.07
N VAL B 46 20.11 -17.27 -8.36
CA VAL B 46 19.71 -18.45 -7.63
C VAL B 46 20.75 -19.55 -7.88
N ILE B 47 21.48 -19.48 -8.99
CA ILE B 47 22.42 -20.57 -9.31
C ILE B 47 23.78 -20.40 -8.64
N CYS B 48 23.94 -19.38 -7.80
CA CYS B 48 25.21 -19.05 -7.17
C CYS B 48 25.30 -19.63 -5.77
N THR B 49 26.45 -20.23 -5.48
CA THR B 49 26.87 -20.44 -4.11
C THR B 49 27.28 -19.10 -3.49
N SER B 50 27.53 -19.12 -2.18
CA SER B 50 28.05 -17.93 -1.51
C SER B 50 29.43 -17.56 -2.04
N GLU B 51 30.36 -18.50 -2.00
CA GLU B 51 31.70 -18.19 -2.49
C GLU B 51 31.66 -17.73 -3.94
N ASP B 52 30.63 -18.13 -4.69
CA ASP B 52 30.50 -17.73 -6.07
C ASP B 52 29.84 -16.39 -6.25
N MET B 53 29.03 -15.97 -5.26
CA MET B 53 28.39 -14.66 -5.31
C MET B 53 29.43 -13.54 -5.27
N LEU B 54 30.57 -13.78 -4.61
CA LEU B 54 31.63 -12.78 -4.54
C LEU B 54 32.02 -12.30 -5.93
N ASN B 55 32.21 -13.21 -6.88
CA ASN B 55 32.29 -12.78 -8.27
C ASN B 55 31.97 -13.95 -9.19
N PRO B 56 30.73 -14.04 -9.66
CA PRO B 56 30.29 -15.24 -10.38
C PRO B 56 30.56 -15.14 -11.87
N ASN B 57 30.81 -16.29 -12.47
CA ASN B 57 30.85 -16.46 -13.92
C ASN B 57 29.52 -17.15 -14.25
N TYR B 58 28.50 -16.35 -14.57
CA TYR B 58 27.15 -16.89 -14.69
C TYR B 58 27.04 -17.85 -15.87
N GLU B 59 27.71 -17.54 -16.97
CA GLU B 59 27.67 -18.42 -18.14
C GLU B 59 28.33 -19.77 -17.82
N ASP B 60 29.42 -19.75 -17.07
CA ASP B 60 30.05 -21.00 -16.67
C ASP B 60 29.20 -21.73 -15.65
N LEU B 61 28.57 -21.01 -14.73
CA LEU B 61 27.72 -21.66 -13.75
C LEU B 61 26.52 -22.31 -14.43
N LEU B 62 25.98 -21.68 -15.49
CA LEU B 62 24.80 -22.19 -16.18
C LEU B 62 25.08 -23.45 -17.00
N ILE B 63 26.22 -23.50 -17.69
CA ILE B 63 26.57 -24.67 -18.50
C ILE B 63 26.63 -25.91 -17.63
N ARG B 64 27.07 -25.77 -16.37
CA ARG B 64 27.13 -26.89 -15.45
C ARG B 64 25.77 -27.29 -14.93
N LYS B 65 24.72 -26.55 -15.26
CA LYS B 65 23.39 -26.81 -14.75
C LYS B 65 22.63 -27.66 -15.74
N SER B 66 21.81 -28.56 -15.22
CA SER B 66 20.81 -29.27 -15.99
C SER B 66 19.42 -28.93 -15.46
N ASN B 67 18.41 -29.22 -16.27
CA ASN B 67 17.03 -29.01 -15.86
C ASN B 67 16.77 -29.63 -14.50
N HIS B 68 17.35 -30.80 -14.25
CA HIS B 68 16.98 -31.52 -13.04
C HIS B 68 17.73 -31.01 -11.82
N ASN B 69 18.58 -30.00 -11.94
CA ASN B 69 19.10 -29.32 -10.77
C ASN B 69 18.19 -28.20 -10.22
N PHE B 70 17.11 -27.85 -10.90
CA PHE B 70 16.25 -26.76 -10.47
C PHE B 70 15.00 -27.31 -9.83
N LEU B 71 14.69 -26.89 -8.60
CA LEU B 71 13.47 -27.29 -7.91
C LEU B 71 12.51 -26.11 -7.95
N VAL B 72 11.43 -26.23 -8.68
CA VAL B 72 10.43 -25.18 -8.75
C VAL B 72 9.19 -25.68 -8.03
N GLN B 73 8.69 -24.89 -7.08
CA GLN B 73 7.53 -25.31 -6.29
C GLN B 73 6.52 -24.18 -6.25
N ALA B 74 5.27 -24.53 -6.48
CA ALA B 74 4.15 -23.66 -6.16
C ALA B 74 3.57 -24.21 -4.86
N GLY B 75 3.69 -23.47 -3.78
CA GLY B 75 3.35 -24.09 -2.51
C GLY B 75 4.33 -25.23 -2.29
N ASN B 76 3.82 -26.39 -1.92
CA ASN B 76 4.66 -27.57 -1.80
C ASN B 76 4.53 -28.53 -2.98
N VAL B 77 3.95 -28.07 -4.08
CA VAL B 77 3.76 -28.91 -5.27
C VAL B 77 4.91 -28.62 -6.25
N GLN B 78 5.64 -29.66 -6.63
CA GLN B 78 6.76 -29.49 -7.55
C GLN B 78 6.27 -29.28 -8.98
N LEU B 79 6.91 -28.34 -9.67
CA LEU B 79 6.72 -28.05 -11.08
C LEU B 79 7.98 -28.50 -11.80
N ARG B 80 7.84 -29.47 -12.69
CA ARG B 80 9.01 -30.03 -13.36
C ARG B 80 9.57 -29.04 -14.36
N VAL B 81 10.88 -28.83 -14.33
CA VAL B 81 11.56 -27.96 -15.27
C VAL B 81 11.99 -28.78 -16.47
N ILE B 82 11.66 -28.31 -17.68
CA ILE B 82 12.00 -29.00 -18.92
C ILE B 82 12.87 -28.16 -19.85
N GLY B 83 13.33 -27.01 -19.41
CA GLY B 83 14.24 -26.20 -20.19
C GLY B 83 14.68 -25.03 -19.35
N HIS B 84 15.84 -24.48 -19.72
CA HIS B 84 16.37 -23.31 -19.03
C HIS B 84 17.15 -22.44 -20.01
N SER B 85 17.15 -21.14 -19.73
CA SER B 85 17.99 -20.20 -20.49
C SER B 85 18.20 -18.96 -19.64
N MET B 86 19.19 -18.17 -20.03
CA MET B 86 19.51 -16.94 -19.33
C MET B 86 19.24 -15.76 -20.25
N GLN B 87 18.53 -14.76 -19.75
CA GLN B 87 18.30 -13.51 -20.46
C GLN B 87 18.78 -12.40 -19.54
N ASN B 88 19.94 -11.80 -19.87
CA ASN B 88 20.55 -10.80 -19.02
C ASN B 88 20.66 -11.35 -17.61
N CYS B 89 20.05 -10.72 -16.63
CA CYS B 89 20.20 -11.18 -15.26
C CYS B 89 19.02 -12.00 -14.77
N VAL B 90 18.14 -12.46 -15.66
CA VAL B 90 17.03 -13.31 -15.24
C VAL B 90 17.23 -14.69 -15.85
N LEU B 91 16.85 -15.69 -15.08
CA LEU B 91 16.77 -17.07 -15.51
C LEU B 91 15.35 -17.33 -15.97
N LYS B 92 15.20 -17.99 -17.10
CA LYS B 92 13.92 -18.45 -17.59
C LYS B 92 13.89 -19.96 -17.57
N LEU B 93 12.93 -20.51 -16.84
CA LEU B 93 12.78 -21.95 -16.68
C LEU B 93 11.47 -22.37 -17.35
N LYS B 94 11.59 -23.19 -18.39
CA LYS B 94 10.43 -23.79 -19.02
C LYS B 94 9.93 -24.91 -18.11
N VAL B 95 8.64 -24.91 -17.80
CA VAL B 95 8.05 -25.92 -16.93
C VAL B 95 6.97 -26.66 -17.71
N ASP B 96 6.58 -27.82 -17.18
CA ASP B 96 5.67 -28.72 -17.92
C ASP B 96 4.20 -28.43 -17.69
N THR B 97 3.89 -27.41 -16.92
CA THR B 97 2.52 -27.03 -16.59
C THR B 97 2.33 -25.55 -16.90
N ALA B 98 1.27 -25.22 -17.65
CA ALA B 98 0.93 -23.81 -17.89
C ALA B 98 0.14 -23.29 -16.70
N ASN B 99 0.53 -22.13 -16.19
CA ASN B 99 -0.11 -21.64 -14.98
C ASN B 99 -1.58 -21.33 -15.27
N PRO B 100 -2.53 -22.08 -14.70
CA PRO B 100 -3.94 -21.79 -14.99
C PRO B 100 -4.40 -20.44 -14.44
N LYS B 101 -3.64 -19.83 -13.53
CA LYS B 101 -3.96 -18.50 -12.99
C LYS B 101 -3.26 -17.39 -13.72
N THR B 102 -2.62 -17.67 -14.85
CA THR B 102 -1.89 -16.65 -15.60
C THR B 102 -2.87 -15.55 -15.98
N PRO B 103 -2.64 -14.30 -15.61
CA PRO B 103 -3.49 -13.20 -16.05
C PRO B 103 -3.10 -12.73 -17.45
N LYS B 104 -3.90 -11.83 -18.01
CA LYS B 104 -3.37 -11.03 -19.11
C LYS B 104 -2.19 -10.25 -18.58
N TYR B 105 -1.08 -10.27 -19.31
CA TYR B 105 0.10 -9.55 -18.83
C TYR B 105 0.96 -9.02 -19.96
N LYS B 106 1.86 -8.12 -19.53
CA LYS B 106 2.84 -7.44 -20.33
C LYS B 106 4.08 -7.27 -19.46
N PHE B 107 5.22 -7.20 -20.12
CA PHE B 107 6.49 -6.81 -19.49
C PHE B 107 6.83 -5.38 -19.94
N VAL B 108 6.97 -4.47 -18.99
CA VAL B 108 7.30 -3.08 -19.30
C VAL B 108 8.49 -2.62 -18.49
N ARG B 109 9.22 -1.67 -19.05
CA ARG B 109 10.37 -1.07 -18.40
C ARG B 109 9.92 0.34 -18.07
N ILE B 110 9.80 0.64 -16.78
CA ILE B 110 9.28 1.95 -16.37
C ILE B 110 10.40 2.98 -16.38
N GLN B 111 10.02 4.25 -16.28
CA GLN B 111 10.91 5.39 -16.15
C GLN B 111 11.06 5.78 -14.69
N PRO B 112 12.17 6.40 -14.31
CA PRO B 112 12.27 6.93 -12.93
C PRO B 112 11.13 7.88 -12.70
N GLY B 113 10.61 7.86 -11.46
CA GLY B 113 9.43 8.60 -11.08
C GLY B 113 8.16 7.80 -11.13
N GLN B 114 8.08 6.82 -12.03
CA GLN B 114 6.88 6.01 -12.12
C GLN B 114 6.76 5.19 -10.84
N THR B 115 5.51 4.96 -10.41
CA THR B 115 5.24 4.15 -9.23
C THR B 115 4.77 2.75 -9.64
N PHE B 116 4.85 1.83 -8.69
CA PHE B 116 4.41 0.46 -8.90
C PHE B 116 4.25 -0.20 -7.55
N SER B 117 3.42 -1.22 -7.52
CA SER B 117 3.17 -2.02 -6.34
C SER B 117 4.19 -3.13 -6.28
N VAL B 118 4.63 -3.45 -5.07
CA VAL B 118 5.58 -4.56 -4.85
C VAL B 118 4.90 -5.61 -3.98
N LEU B 119 4.96 -6.87 -4.42
CA LEU B 119 4.40 -7.96 -3.64
C LEU B 119 5.59 -8.67 -2.99
N ALA B 120 5.87 -8.32 -1.74
CA ALA B 120 7.03 -8.86 -1.05
C ALA B 120 6.74 -10.32 -0.71
N CYS B 121 7.63 -11.22 -1.14
CA CYS B 121 7.43 -12.66 -1.05
C CYS B 121 8.65 -13.32 -0.43
N TYR B 122 8.40 -14.41 0.30
CA TYR B 122 9.44 -15.22 0.90
C TYR B 122 9.06 -16.68 0.69
N ASN B 123 9.97 -17.45 0.08
CA ASN B 123 9.76 -18.87 -0.21
C ASN B 123 8.49 -19.09 -1.03
N GLY B 124 8.22 -18.17 -1.97
CA GLY B 124 7.05 -18.24 -2.82
C GLY B 124 5.75 -17.85 -2.14
N SER B 125 5.81 -17.37 -0.90
CA SER B 125 4.62 -16.99 -0.16
C SER B 125 4.58 -15.48 -0.01
N PRO B 126 3.57 -14.80 -0.54
CA PRO B 126 3.47 -13.35 -0.32
C PRO B 126 3.28 -12.99 1.14
N SER B 127 3.95 -11.94 1.58
CA SER B 127 3.83 -11.39 2.93
C SER B 127 3.11 -10.05 2.97
N GLY B 128 3.34 -9.18 1.99
CA GLY B 128 2.78 -7.85 2.05
C GLY B 128 2.88 -7.19 0.69
N VAL B 129 2.03 -6.18 0.48
CA VAL B 129 2.05 -5.40 -0.74
C VAL B 129 2.13 -3.93 -0.38
N TYR B 130 2.97 -3.19 -1.08
CA TYR B 130 3.11 -1.76 -0.85
C TYR B 130 3.54 -1.09 -2.13
N GLN B 131 3.42 0.23 -2.13
CA GLN B 131 3.70 1.04 -3.31
C GLN B 131 5.10 1.64 -3.25
N CYS B 132 5.80 1.58 -4.39
CA CYS B 132 7.16 2.11 -4.55
C CYS B 132 7.22 3.09 -5.68
N ALA B 133 8.09 4.08 -5.56
CA ALA B 133 8.45 4.93 -6.66
C ALA B 133 9.89 4.62 -7.08
N MET B 134 10.11 4.49 -8.38
CA MET B 134 11.43 4.34 -8.91
C MET B 134 12.15 5.69 -8.83
N ARG B 135 13.18 5.78 -7.97
CA ARG B 135 13.90 7.05 -7.78
C ARG B 135 14.71 7.41 -9.02
N PRO B 136 15.03 8.71 -9.17
CA PRO B 136 15.85 9.14 -10.31
C PRO B 136 17.22 8.51 -10.36
N ASN B 137 17.73 8.00 -9.23
CA ASN B 137 18.96 7.23 -9.16
C ASN B 137 18.72 5.72 -9.29
N PHE B 138 17.53 5.31 -9.73
CA PHE B 138 17.26 3.93 -10.13
C PHE B 138 17.37 2.99 -8.95
N THR B 139 17.06 3.50 -7.77
CA THR B 139 16.77 2.67 -6.61
C THR B 139 15.30 2.85 -6.23
N ILE B 140 14.83 1.98 -5.32
CA ILE B 140 13.51 2.11 -4.74
C ILE B 140 13.66 1.99 -3.23
N LYS B 141 12.76 2.65 -2.50
CA LYS B 141 12.75 2.60 -1.04
C LYS B 141 11.80 1.48 -0.63
N GLY B 142 12.34 0.26 -0.60
CA GLY B 142 11.55 -0.92 -0.34
C GLY B 142 11.68 -1.38 1.09
N SER B 143 11.19 -2.57 1.32
CA SER B 143 11.22 -3.25 2.60
C SER B 143 11.40 -4.72 2.22
N PHE B 144 12.65 -5.13 2.12
CA PHE B 144 12.98 -6.47 1.67
C PHE B 144 13.95 -7.09 2.66
N LEU B 145 13.67 -8.31 3.08
CA LEU B 145 14.56 -9.11 3.90
C LEU B 145 15.21 -10.21 3.05
N ASN B 146 16.22 -10.87 3.62
CA ASN B 146 16.77 -12.07 3.00
C ASN B 146 15.64 -12.99 2.55
N GLY B 147 15.80 -13.59 1.37
CA GLY B 147 14.79 -14.45 0.80
C GLY B 147 13.79 -13.75 -0.09
N SER B 148 13.90 -12.42 -0.23
CA SER B 148 12.93 -11.60 -0.94
C SER B 148 13.19 -11.50 -2.43
N CYS B 149 14.40 -11.80 -2.88
CA CYS B 149 14.70 -11.68 -4.30
C CYS B 149 13.74 -12.50 -5.15
N GLY B 150 13.44 -11.98 -6.34
CA GLY B 150 12.43 -12.52 -7.18
C GLY B 150 11.05 -11.97 -6.91
N SER B 151 10.84 -11.29 -5.79
CA SER B 151 9.61 -10.51 -5.61
C SER B 151 9.49 -9.50 -6.75
N VAL B 152 8.26 -9.25 -7.19
CA VAL B 152 8.08 -8.45 -8.39
C VAL B 152 7.29 -7.18 -8.07
N GLY B 153 7.47 -6.22 -8.95
CA GLY B 153 6.70 -5.00 -8.92
C GLY B 153 5.90 -4.91 -10.20
N PHE B 154 4.71 -4.30 -10.10
CA PHE B 154 3.78 -4.34 -11.21
C PHE B 154 2.79 -3.18 -11.11
N ASN B 155 2.15 -2.90 -12.25
CA ASN B 155 0.93 -2.11 -12.31
C ASN B 155 -0.17 -2.92 -12.99
N ILE B 156 -1.41 -2.59 -12.67
CA ILE B 156 -2.56 -3.26 -13.24
C ILE B 156 -3.37 -2.21 -13.99
N ASP B 157 -3.59 -2.46 -15.28
CA ASP B 157 -4.37 -1.59 -16.18
C ASP B 157 -5.59 -2.38 -16.68
N TYR B 158 -6.74 -2.13 -16.06
CA TYR B 158 -7.96 -2.89 -16.35
C TYR B 158 -7.79 -4.31 -15.85
N ASP B 159 -7.60 -5.24 -16.77
CA ASP B 159 -7.41 -6.63 -16.41
C ASP B 159 -5.98 -7.09 -16.62
N CYS B 160 -5.11 -6.22 -17.12
CA CYS B 160 -3.80 -6.60 -17.63
C CYS B 160 -2.72 -6.20 -16.62
N VAL B 161 -1.89 -7.16 -16.22
CA VAL B 161 -0.81 -6.88 -15.28
C VAL B 161 0.43 -6.56 -16.10
N SER B 162 0.96 -5.35 -15.90
CA SER B 162 2.24 -4.95 -16.45
C SER B 162 3.32 -5.18 -15.39
N PHE B 163 4.17 -6.15 -15.63
CA PHE B 163 5.31 -6.39 -14.73
C PHE B 163 6.48 -5.49 -15.11
N CYS B 164 7.00 -4.75 -14.11
CA CYS B 164 8.09 -3.83 -14.35
C CYS B 164 9.35 -4.03 -13.52
N TYR B 165 9.32 -4.84 -12.46
CA TYR B 165 10.44 -4.92 -11.52
C TYR B 165 10.57 -6.33 -11.00
N MET B 166 11.82 -6.81 -10.92
CA MET B 166 12.13 -7.99 -10.15
C MET B 166 13.28 -7.64 -9.20
N HIS B 167 13.15 -8.07 -7.95
CA HIS B 167 14.07 -7.67 -6.92
C HIS B 167 15.33 -8.52 -6.90
N HIS B 168 16.49 -7.83 -6.74
CA HIS B 168 17.79 -8.49 -6.70
C HIS B 168 18.73 -8.08 -5.55
N MET B 169 18.66 -6.83 -5.04
CA MET B 169 19.72 -6.37 -4.14
C MET B 169 19.28 -5.28 -3.15
N GLU B 170 20.04 -5.21 -2.04
CA GLU B 170 20.02 -4.09 -1.11
C GLU B 170 21.37 -3.38 -1.13
N LEU B 171 21.36 -2.06 -1.18
CA LEU B 171 22.57 -1.28 -1.20
C LEU B 171 22.94 -0.81 0.21
N PRO B 172 24.14 -0.23 0.40
CA PRO B 172 24.53 0.21 1.75
C PRO B 172 23.57 1.21 2.37
N THR B 173 23.06 2.15 1.55
CA THR B 173 22.14 3.16 2.04
C THR B 173 20.80 2.63 2.35
N GLY B 174 20.57 1.31 2.30
CA GLY B 174 19.30 0.73 2.66
C GLY B 174 18.23 0.77 1.59
N VAL B 175 18.54 1.28 0.40
CA VAL B 175 17.60 1.25 -0.71
C VAL B 175 17.84 -0.03 -1.50
N HIS B 176 16.98 -0.29 -2.48
CA HIS B 176 16.96 -1.57 -3.17
C HIS B 176 17.06 -1.35 -4.68
N ALA B 177 17.50 -2.40 -5.36
CA ALA B 177 17.78 -2.34 -6.78
C ALA B 177 17.45 -3.69 -7.39
N GLY B 178 17.15 -3.68 -8.68
CA GLY B 178 16.65 -4.87 -9.35
C GLY B 178 16.57 -4.61 -10.83
N THR B 179 15.89 -5.51 -11.54
CA THR B 179 15.84 -5.50 -13.00
C THR B 179 14.39 -5.40 -13.48
N ASP B 180 14.21 -5.19 -14.80
CA ASP B 180 12.93 -5.42 -15.45
C ASP B 180 12.76 -6.92 -15.65
N LEU B 181 11.65 -7.34 -16.25
CA LEU B 181 11.41 -8.77 -16.40
C LEU B 181 12.17 -9.36 -17.58
N GLU B 182 12.84 -8.53 -18.37
CA GLU B 182 13.80 -8.99 -19.36
C GLU B 182 15.20 -9.08 -18.79
N GLY B 183 15.37 -8.85 -17.49
CA GLY B 183 16.64 -9.05 -16.85
C GLY B 183 17.61 -7.87 -16.84
N ASN B 184 17.22 -6.73 -17.40
CA ASN B 184 18.08 -5.56 -17.49
C ASN B 184 17.97 -4.74 -16.22
N PHE B 185 19.08 -4.55 -15.52
CA PHE B 185 19.02 -3.79 -14.29
C PHE B 185 18.51 -2.38 -14.57
N TYR B 186 17.74 -1.86 -13.62
CA TYR B 186 17.52 -0.42 -13.56
C TYR B 186 18.78 0.19 -12.97
N GLY B 187 19.36 1.15 -13.66
CA GLY B 187 20.52 1.83 -13.14
C GLY B 187 21.79 1.08 -13.43
N PRO B 188 22.91 1.51 -12.82
CA PRO B 188 24.22 0.98 -13.20
C PRO B 188 24.65 -0.30 -12.47
N PHE B 189 23.76 -0.96 -11.73
CA PHE B 189 24.17 -1.96 -10.77
C PHE B 189 24.34 -3.29 -11.48
N VAL B 190 25.03 -4.22 -10.79
CA VAL B 190 25.28 -5.58 -11.30
C VAL B 190 24.98 -6.58 -10.18
N ASP B 191 24.61 -7.81 -10.57
CA ASP B 191 24.22 -8.82 -9.59
C ASP B 191 25.44 -9.60 -9.10
N ARG B 192 26.31 -8.87 -8.40
CA ARG B 192 27.50 -9.42 -7.73
C ARG B 192 27.56 -8.84 -6.33
N GLN B 193 28.12 -9.62 -5.42
CA GLN B 193 28.22 -9.25 -4.02
C GLN B 193 29.39 -8.30 -3.79
N THR B 194 29.70 -7.44 -4.77
CA THR B 194 30.80 -6.48 -4.69
C THR B 194 30.28 -5.11 -4.24
N ALA B 195 31.22 -4.20 -3.95
CA ALA B 195 30.83 -2.89 -3.40
C ALA B 195 30.17 -2.02 -4.46
N GLN B 196 28.95 -1.56 -4.14
CA GLN B 196 28.15 -0.73 -5.03
C GLN B 196 27.43 0.32 -4.22
N ALA B 197 27.02 1.38 -4.90
CA ALA B 197 26.44 2.54 -4.22
C ALA B 197 25.54 3.30 -5.17
N ALA B 198 24.42 3.76 -4.65
CA ALA B 198 23.51 4.57 -5.45
C ALA B 198 24.05 5.98 -5.59
N GLY B 199 23.93 6.54 -6.79
CA GLY B 199 24.24 7.95 -6.97
C GLY B 199 23.37 8.81 -6.07
N THR B 200 23.73 10.08 -5.97
CA THR B 200 22.91 10.97 -5.16
C THR B 200 21.53 11.08 -5.79
N ASP B 201 20.52 11.02 -4.94
CA ASP B 201 19.14 11.07 -5.41
C ASP B 201 18.69 12.51 -5.63
N THR B 202 17.64 12.65 -6.45
CA THR B 202 17.02 13.94 -6.73
C THR B 202 15.52 13.81 -6.54
N THR B 203 14.86 14.96 -6.43
CA THR B 203 13.42 14.99 -6.24
C THR B 203 12.69 14.82 -7.56
N ILE B 204 11.61 14.05 -7.53
CA ILE B 204 10.87 13.75 -8.75
C ILE B 204 9.92 14.89 -9.09
N THR B 205 10.40 15.81 -9.92
CA THR B 205 9.67 17.03 -10.23
C THR B 205 8.27 16.75 -10.76
N VAL B 206 8.15 15.80 -11.70
CA VAL B 206 6.84 15.59 -12.31
C VAL B 206 5.82 15.17 -11.25
N ASN B 207 6.24 14.38 -10.27
CA ASN B 207 5.31 14.03 -9.20
C ASN B 207 5.03 15.18 -8.25
N VAL B 208 6.03 16.03 -7.98
CA VAL B 208 5.73 17.21 -7.18
C VAL B 208 4.67 18.04 -7.88
N LEU B 209 4.81 18.21 -9.20
CA LEU B 209 3.85 18.97 -9.97
C LEU B 209 2.47 18.33 -9.88
N ALA B 210 2.41 17.00 -9.97
CA ALA B 210 1.14 16.30 -9.80
C ALA B 210 0.51 16.62 -8.45
N TRP B 211 1.33 16.64 -7.41
CA TRP B 211 0.88 16.99 -6.06
C TRP B 211 0.32 18.41 -5.99
N LEU B 212 0.98 19.36 -6.65
CA LEU B 212 0.42 20.71 -6.72
C LEU B 212 -0.93 20.71 -7.42
N TYR B 213 -1.04 20.01 -8.54
CA TYR B 213 -2.34 19.85 -9.19
C TYR B 213 -3.37 19.25 -8.23
N ALA B 214 -3.00 18.21 -7.49
CA ALA B 214 -3.90 17.64 -6.50
C ALA B 214 -4.34 18.66 -5.46
N ALA B 215 -3.40 19.47 -4.95
CA ALA B 215 -3.81 20.49 -3.98
C ALA B 215 -4.83 21.44 -4.62
N VAL B 216 -4.62 21.81 -5.88
CA VAL B 216 -5.55 22.74 -6.54
C VAL B 216 -6.92 22.10 -6.68
N ILE B 217 -6.99 20.86 -7.19
CA ILE B 217 -8.27 20.15 -7.31
C ILE B 217 -9.03 20.18 -6.00
N ASN B 218 -8.30 20.15 -4.87
CA ASN B 218 -8.91 20.13 -3.55
C ASN B 218 -9.09 21.53 -2.98
N GLY B 219 -8.89 22.55 -3.78
CA GLY B 219 -9.18 23.92 -3.38
C GLY B 219 -8.04 24.65 -2.69
N ASP B 220 -6.86 24.04 -2.65
CA ASP B 220 -5.72 24.61 -1.92
C ASP B 220 -4.82 25.20 -2.98
N ARG B 221 -4.88 26.53 -3.17
CA ARG B 221 -4.21 27.08 -4.34
C ARG B 221 -3.51 28.41 -4.08
N TRP B 222 -3.12 28.70 -2.84
CA TRP B 222 -2.45 29.96 -2.57
C TRP B 222 -1.23 30.16 -3.45
N PHE B 223 -0.55 29.07 -3.81
CA PHE B 223 0.76 29.09 -4.42
C PHE B 223 0.75 29.33 -5.92
N LEU B 224 -0.41 29.41 -6.56
CA LEU B 224 -0.46 29.72 -7.98
C LEU B 224 -0.10 31.19 -8.17
N ASN B 225 0.81 31.46 -9.11
CA ASN B 225 1.17 32.84 -9.45
C ASN B 225 0.67 33.18 -10.84
N ARG B 226 0.87 34.45 -11.22
CA ARG B 226 0.37 35.00 -12.46
C ARG B 226 1.38 34.90 -13.61
N PHE B 227 2.38 34.02 -13.49
CA PHE B 227 3.49 33.96 -14.42
C PHE B 227 3.70 32.54 -14.93
N THR B 228 4.53 32.44 -15.98
CA THR B 228 4.86 31.16 -16.61
C THR B 228 6.36 31.12 -16.89
N THR B 229 6.82 30.06 -17.53
CA THR B 229 8.25 29.92 -17.77
C THR B 229 8.46 29.05 -18.99
N THR B 230 9.71 28.99 -19.45
CA THR B 230 10.07 28.02 -20.45
C THR B 230 10.43 26.75 -19.73
N LEU B 231 10.33 25.64 -20.45
CA LEU B 231 10.76 24.36 -19.91
C LEU B 231 12.25 24.33 -19.59
N ASN B 232 13.07 24.86 -20.50
CA ASN B 232 14.53 24.88 -20.24
C ASN B 232 14.88 25.80 -19.07
N ASP B 233 14.30 27.00 -19.02
CA ASP B 233 14.50 27.84 -17.85
C ASP B 233 14.14 27.11 -16.56
N PHE B 234 12.95 26.51 -16.50
CA PHE B 234 12.58 25.78 -15.29
C PHE B 234 13.57 24.64 -15.01
N ASN B 235 13.97 23.89 -16.05
CA ASN B 235 14.86 22.76 -15.82
C ASN B 235 16.22 23.22 -15.27
N LEU B 236 16.74 24.30 -15.82
CA LEU B 236 18.03 24.78 -15.32
C LEU B 236 17.92 25.21 -13.87
N VAL B 237 16.81 25.83 -13.49
CA VAL B 237 16.62 26.23 -12.09
C VAL B 237 16.41 25.00 -11.21
N ALA B 238 15.54 24.10 -11.64
CA ALA B 238 15.25 22.92 -10.83
C ALA B 238 16.52 22.17 -10.47
N MET B 239 17.46 22.01 -11.41
CA MET B 239 18.64 21.23 -11.11
C MET B 239 19.44 21.86 -9.96
N LYS B 240 19.33 23.17 -9.77
CA LYS B 240 20.08 23.83 -8.70
C LYS B 240 19.51 23.51 -7.33
N TYR B 241 18.26 23.03 -7.28
CA TYR B 241 17.61 22.60 -6.05
C TYR B 241 17.52 21.07 -5.94
N ASN B 242 18.31 20.35 -6.74
CA ASN B 242 18.35 18.89 -6.72
C ASN B 242 17.00 18.30 -7.10
N TYR B 243 16.31 18.99 -8.00
CA TYR B 243 15.12 18.45 -8.65
C TYR B 243 15.48 17.87 -10.01
N GLU B 244 14.77 16.83 -10.39
CA GLU B 244 14.96 16.20 -11.67
C GLU B 244 14.50 17.16 -12.78
N PRO B 245 15.21 17.26 -13.89
CA PRO B 245 14.65 18.01 -15.02
C PRO B 245 13.47 17.26 -15.62
N LEU B 246 12.50 18.02 -16.12
CA LEU B 246 11.33 17.44 -16.78
C LEU B 246 11.66 17.02 -18.19
N THR B 247 11.05 15.94 -18.62
CA THR B 247 11.09 15.51 -20.00
C THR B 247 9.79 15.89 -20.70
N GLN B 248 9.79 15.71 -22.02
CA GLN B 248 8.53 15.85 -22.75
C GLN B 248 7.48 14.82 -22.30
N ASP B 249 7.90 13.63 -21.90
CA ASP B 249 6.92 12.64 -21.43
C ASP B 249 6.26 13.11 -20.15
N HIS B 250 7.03 13.74 -19.27
CA HIS B 250 6.47 14.32 -18.05
C HIS B 250 5.45 15.39 -18.39
N VAL B 251 5.80 16.27 -19.34
CA VAL B 251 4.84 17.27 -19.76
C VAL B 251 3.57 16.59 -20.22
N ASP B 252 3.70 15.55 -21.04
CA ASP B 252 2.52 14.89 -21.59
C ASP B 252 1.70 14.20 -20.51
N ILE B 253 2.33 13.49 -19.55
CA ILE B 253 1.49 12.80 -18.57
C ILE B 253 0.83 13.74 -17.55
N LEU B 254 1.29 14.99 -17.46
CA LEU B 254 0.58 16.01 -16.71
C LEU B 254 -0.59 16.59 -17.49
N GLY B 255 -0.79 16.17 -18.73
CA GLY B 255 -1.86 16.65 -19.57
C GLY B 255 -3.24 16.57 -18.94
N PRO B 256 -3.68 15.39 -18.54
CA PRO B 256 -5.01 15.30 -17.91
C PRO B 256 -5.20 16.23 -16.72
N LEU B 257 -4.23 16.34 -15.81
CA LEU B 257 -4.39 17.22 -14.66
C LEU B 257 -4.41 18.68 -15.09
N SER B 258 -3.62 19.02 -16.10
CA SER B 258 -3.61 20.39 -16.61
C SER B 258 -4.96 20.78 -17.17
N ALA B 259 -5.59 19.87 -17.92
CA ALA B 259 -6.92 20.11 -18.48
C ALA B 259 -7.98 20.10 -17.40
N GLN B 260 -7.85 19.19 -16.43
CA GLN B 260 -8.81 19.13 -15.33
C GLN B 260 -8.88 20.46 -14.57
N THR B 261 -7.75 21.15 -14.46
CA THR B 261 -7.66 22.36 -13.64
C THR B 261 -7.59 23.64 -14.48
N GLY B 262 -7.30 23.53 -15.77
CA GLY B 262 -7.12 24.73 -16.57
C GLY B 262 -5.82 25.47 -16.31
N ILE B 263 -4.85 24.83 -15.68
CA ILE B 263 -3.57 25.43 -15.35
C ILE B 263 -2.54 24.75 -16.22
N ALA B 264 -2.00 25.47 -17.19
CA ALA B 264 -1.00 24.91 -18.09
C ALA B 264 0.21 24.42 -17.30
N VAL B 265 0.81 23.36 -17.83
CA VAL B 265 1.95 22.73 -17.14
C VAL B 265 3.01 23.76 -16.83
N LEU B 266 3.33 24.60 -17.81
CA LEU B 266 4.43 25.55 -17.62
C LEU B 266 4.09 26.64 -16.62
N ASP B 267 2.80 26.93 -16.43
CA ASP B 267 2.41 27.82 -15.35
C ASP B 267 2.60 27.15 -13.99
N MET B 268 2.26 25.86 -13.89
CA MET B 268 2.53 25.20 -12.63
C MET B 268 4.03 25.19 -12.35
N CYS B 269 4.85 24.99 -13.40
CA CYS B 269 6.30 25.02 -13.23
C CYS B 269 6.78 26.36 -12.67
N ALA B 270 6.25 27.47 -13.20
CA ALA B 270 6.58 28.77 -12.65
C ALA B 270 6.15 28.88 -11.18
N SER B 271 4.99 28.34 -10.81
CA SER B 271 4.58 28.35 -9.41
C SER B 271 5.52 27.51 -8.54
N LEU B 272 5.92 26.33 -9.02
CA LEU B 272 6.91 25.53 -8.30
C LEU B 272 8.24 26.28 -8.21
N LYS B 273 8.69 26.86 -9.31
CA LYS B 273 9.97 27.59 -9.26
C LYS B 273 9.94 28.61 -8.13
N GLU B 274 8.80 29.30 -7.96
CA GLU B 274 8.71 30.31 -6.90
C GLU B 274 8.77 29.66 -5.52
N LEU B 275 8.12 28.52 -5.34
CA LEU B 275 8.27 27.79 -4.07
C LEU B 275 9.73 27.40 -3.83
N LEU B 276 10.43 26.94 -4.87
CA LEU B 276 11.81 26.54 -4.68
C LEU B 276 12.66 27.74 -4.30
N GLN B 277 12.41 28.86 -4.96
CA GLN B 277 13.25 30.04 -4.78
C GLN B 277 12.87 30.82 -3.51
N ASN B 278 11.58 30.88 -3.19
CA ASN B 278 11.13 31.64 -2.03
C ASN B 278 10.83 30.76 -0.83
N GLY B 279 10.77 29.46 -0.98
CA GLY B 279 10.37 28.62 0.12
C GLY B 279 8.88 28.75 0.41
N MET B 280 8.45 27.97 1.40
CA MET B 280 7.05 27.96 1.78
C MET B 280 6.67 29.16 2.63
N ASN B 281 7.64 29.83 3.23
CA ASN B 281 7.35 31.00 4.06
C ASN B 281 6.32 30.63 5.13
N GLY B 282 6.44 29.42 5.67
CA GLY B 282 5.61 28.99 6.77
C GLY B 282 4.29 28.34 6.41
N ARG B 283 3.88 28.37 5.14
CA ARG B 283 2.56 27.88 4.78
C ARG B 283 2.60 26.37 4.59
N THR B 284 1.43 25.79 4.32
CA THR B 284 1.31 24.38 4.03
C THR B 284 0.59 24.18 2.72
N ILE B 285 0.80 23.00 2.13
CA ILE B 285 0.09 22.53 0.95
C ILE B 285 -0.44 21.13 1.26
N LEU B 286 -1.75 20.92 1.10
CA LEU B 286 -2.39 19.68 1.51
C LEU B 286 -1.98 19.30 2.94
N GLY B 287 -1.84 20.32 3.78
CA GLY B 287 -1.62 20.10 5.19
C GLY B 287 -0.23 19.58 5.50
N SER B 288 0.77 20.20 4.91
CA SER B 288 2.15 19.77 5.13
C SER B 288 3.08 20.84 4.59
N ALA B 289 4.21 21.02 5.27
CA ALA B 289 5.26 21.92 4.81
C ALA B 289 6.19 21.26 3.80
N LEU B 290 6.06 19.97 3.57
CA LEU B 290 6.92 19.25 2.63
C LEU B 290 6.20 18.98 1.33
N LEU B 291 6.91 19.05 0.22
CA LEU B 291 6.33 18.67 -1.06
C LEU B 291 6.52 17.16 -1.23
N GLU B 292 5.52 16.51 -1.75
CA GLU B 292 5.51 15.06 -1.93
C GLU B 292 5.87 14.73 -3.37
N ASP B 293 6.74 13.71 -3.56
CA ASP B 293 7.18 13.36 -4.90
C ASP B 293 6.98 11.88 -5.24
N GLU B 294 6.19 11.15 -4.45
CA GLU B 294 5.94 9.73 -4.70
C GLU B 294 4.53 9.44 -5.18
N PHE B 295 3.77 10.45 -5.61
CA PHE B 295 2.47 10.28 -6.27
C PHE B 295 2.57 10.77 -7.70
N THR B 296 2.38 9.86 -8.65
CA THR B 296 2.41 10.25 -10.05
C THR B 296 1.09 10.91 -10.47
N PRO B 297 1.08 11.53 -11.63
CA PRO B 297 -0.18 12.04 -12.17
C PRO B 297 -1.32 11.03 -12.17
N PHE B 298 -1.00 9.78 -12.49
CA PHE B 298 -1.98 8.71 -12.47
C PHE B 298 -2.48 8.42 -11.06
N ASP B 299 -1.55 8.30 -10.11
CA ASP B 299 -1.94 8.08 -8.71
C ASP B 299 -2.89 9.19 -8.26
N VAL B 300 -2.62 10.43 -8.67
CA VAL B 300 -3.47 11.55 -8.26
C VAL B 300 -4.88 11.38 -8.80
N VAL B 301 -4.98 11.08 -10.10
CA VAL B 301 -6.28 10.87 -10.72
C VAL B 301 -7.01 9.73 -10.01
N ARG B 302 -6.34 8.59 -9.87
CA ARG B 302 -6.88 7.42 -9.17
C ARG B 302 -7.58 7.81 -7.86
N GLN B 303 -6.94 8.65 -7.06
CA GLN B 303 -7.48 8.93 -5.73
C GLN B 303 -8.40 10.13 -5.66
N CYS B 304 -8.46 10.96 -6.70
CA CYS B 304 -9.37 12.08 -6.67
C CYS B 304 -10.63 11.80 -7.47
N SER B 305 -10.48 11.12 -8.60
CA SER B 305 -11.57 10.93 -9.55
C SER B 305 -11.81 9.45 -9.81
#